data_3M0F
#
_entry.id   3M0F
#
_cell.length_a   48.521
_cell.length_b   57.866
_cell.length_c   74.796
_cell.angle_alpha   90.00
_cell.angle_beta   106.00
_cell.angle_gamma   90.00
#
_symmetry.space_group_name_H-M   'P 1 21 1'
#
loop_
_entity.id
_entity.type
_entity.pdbx_description
1 polymer 'uncharacterized protein GST_N'
2 non-polymer GLUTATHIONE
3 water water
#
_entity_poly.entity_id   1
_entity_poly.type   'polypeptide(L)'
_entity_poly.pdbx_seq_one_letter_code
;MSLKLIGMLDSPYVRRVAISLKSLGLPFEHHSLSVFSTFEQFKAINPVVKAPTLVCEGGEVLMDSSLIIDYLETLAGPQR
SLMPTALPQRLRELRLVGLALAACEKSVQIVYERNLRPAEKQHGPWLERVGGQLQAAYGELEQELQKQPLPRDGSLGQAG
ISLAVAWSFSQMMVADQFNPGQFPAVRGFAEYAEQLPVFLATPATEGHHHHHH
;
_entity_poly.pdbx_strand_id   A,B
#
# COMPACT_ATOMS: atom_id res chain seq x y z
N LEU A 3 -1.15 -16.33 -15.89
CA LEU A 3 -0.92 -15.48 -14.68
C LEU A 3 -0.56 -16.33 -13.47
N LYS A 4 0.36 -15.84 -12.65
CA LYS A 4 0.77 -16.58 -11.46
C LYS A 4 0.76 -15.68 -10.23
N LEU A 5 0.11 -16.16 -9.16
CA LEU A 5 0.04 -15.42 -7.92
C LEU A 5 1.01 -16.10 -6.96
N ILE A 6 2.00 -15.34 -6.48
CA ILE A 6 3.00 -15.88 -5.57
C ILE A 6 2.78 -15.36 -4.15
N GLY A 7 2.61 -16.28 -3.20
CA GLY A 7 2.39 -15.88 -1.81
C GLY A 7 1.51 -16.87 -1.09
N MET A 8 1.44 -16.76 0.23
CA MET A 8 0.62 -17.66 1.04
C MET A 8 -0.73 -16.98 1.30
N LEU A 9 -1.80 -17.74 1.22
CA LEU A 9 -3.13 -17.18 1.44
C LEU A 9 -3.41 -16.74 2.87
N ASP A 10 -2.48 -17.02 3.79
CA ASP A 10 -2.72 -16.56 5.15
C ASP A 10 -2.35 -15.09 5.26
N SER A 11 -1.74 -14.56 4.20
CA SER A 11 -1.41 -13.14 4.14
C SER A 11 -2.68 -12.49 3.58
N PRO A 12 -3.21 -11.46 4.26
CA PRO A 12 -4.43 -10.84 3.74
C PRO A 12 -4.23 -10.14 2.41
N TYR A 13 -3.00 -9.70 2.16
CA TYR A 13 -2.69 -9.01 0.92
C TYR A 13 -2.71 -10.01 -0.24
N VAL A 14 -2.20 -11.22 0.00
CA VAL A 14 -2.21 -12.24 -1.04
C VAL A 14 -3.64 -12.73 -1.22
N ARG A 15 -4.36 -12.92 -0.13
CA ARG A 15 -5.73 -13.41 -0.23
C ARG A 15 -6.69 -12.47 -0.94
N ARG A 16 -6.56 -11.16 -0.72
CA ARG A 16 -7.45 -10.22 -1.38
C ARG A 16 -7.23 -10.26 -2.88
N VAL A 17 -5.99 -10.54 -3.30
CA VAL A 17 -5.70 -10.62 -4.73
C VAL A 17 -6.28 -11.91 -5.30
N ALA A 18 -6.10 -13.00 -4.56
CA ALA A 18 -6.63 -14.28 -4.99
C ALA A 18 -8.14 -14.22 -5.19
N ILE A 19 -8.84 -13.65 -4.21
CA ILE A 19 -10.28 -13.55 -4.33
C ILE A 19 -10.69 -12.54 -5.40
N SER A 20 -9.89 -11.50 -5.60
CA SER A 20 -10.18 -10.50 -6.64
C SER A 20 -10.04 -11.15 -8.01
N LEU A 21 -9.02 -12.00 -8.16
CA LEU A 21 -8.77 -12.71 -9.41
C LEU A 21 -9.99 -13.56 -9.79
N LYS A 22 -10.46 -14.34 -8.81
CA LYS A 22 -11.61 -15.21 -9.05
C LYS A 22 -12.85 -14.38 -9.31
N SER A 23 -13.03 -13.30 -8.56
CA SER A 23 -14.19 -12.44 -8.73
C SER A 23 -14.18 -11.74 -10.10
N LEU A 24 -12.98 -11.47 -10.63
CA LEU A 24 -12.86 -10.81 -11.93
C LEU A 24 -12.95 -11.79 -13.10
N GLY A 25 -12.89 -13.09 -12.81
CA GLY A 25 -12.97 -14.12 -13.84
C GLY A 25 -11.68 -14.43 -14.55
N LEU A 26 -10.56 -14.07 -13.93
CA LEU A 26 -9.25 -14.31 -14.52
C LEU A 26 -8.58 -15.57 -14.00
N PRO A 27 -8.32 -16.55 -14.88
CA PRO A 27 -7.68 -17.79 -14.42
C PRO A 27 -6.23 -17.54 -14.00
N PHE A 28 -5.72 -18.34 -13.08
CA PHE A 28 -4.34 -18.17 -12.63
C PHE A 28 -3.79 -19.39 -11.89
N GLU A 29 -2.48 -19.42 -11.76
CA GLU A 29 -1.81 -20.51 -11.02
C GLU A 29 -1.39 -19.91 -9.69
N HIS A 30 -1.57 -20.66 -8.61
CA HIS A 30 -1.17 -20.19 -7.29
C HIS A 30 0.05 -20.94 -6.81
N HIS A 31 1.14 -20.22 -6.57
CA HIS A 31 2.36 -20.82 -6.07
C HIS A 31 2.48 -20.37 -4.62
N SER A 32 2.15 -21.28 -3.71
CA SER A 32 2.21 -21.00 -2.29
C SER A 32 3.65 -20.96 -1.79
N LEU A 33 4.23 -19.76 -1.77
CA LEU A 33 5.58 -19.57 -1.28
C LEU A 33 5.59 -18.53 -0.17
N SER A 34 6.49 -18.70 0.79
CA SER A 34 6.59 -17.79 1.92
C SER A 34 7.79 -16.85 1.78
N VAL A 35 7.58 -15.59 2.09
CA VAL A 35 8.66 -14.60 2.03
C VAL A 35 9.64 -14.81 3.19
N PHE A 36 9.27 -15.67 4.12
CA PHE A 36 10.12 -15.93 5.28
C PHE A 36 10.75 -17.32 5.31
N SER A 37 9.94 -18.36 5.13
CA SER A 37 10.42 -19.75 5.20
C SER A 37 10.92 -20.34 3.88
N THR A 38 10.69 -19.65 2.77
CA THR A 38 11.17 -20.10 1.46
C THR A 38 11.74 -18.87 0.76
N PHE A 39 12.56 -18.12 1.51
CA PHE A 39 13.16 -16.88 1.02
C PHE A 39 13.83 -16.97 -0.34
N GLU A 40 14.72 -17.95 -0.51
CA GLU A 40 15.44 -18.10 -1.77
C GLU A 40 14.52 -18.39 -2.94
N GLN A 41 13.53 -19.25 -2.73
CA GLN A 41 12.60 -19.58 -3.80
C GLN A 41 11.78 -18.36 -4.19
N PHE A 42 11.39 -17.56 -3.21
CA PHE A 42 10.59 -16.35 -3.50
C PHE A 42 11.48 -15.32 -4.18
N LYS A 43 12.68 -15.13 -3.65
CA LYS A 43 13.65 -14.19 -4.19
C LYS A 43 13.96 -14.48 -5.66
N ALA A 44 13.93 -15.76 -6.04
CA ALA A 44 14.20 -16.17 -7.41
C ALA A 44 13.16 -15.63 -8.39
N ILE A 45 11.95 -15.38 -7.88
CA ILE A 45 10.88 -14.85 -8.73
C ILE A 45 10.84 -13.32 -8.64
N ASN A 46 10.93 -12.80 -7.42
CA ASN A 46 10.91 -11.36 -7.18
C ASN A 46 11.99 -11.08 -6.12
N PRO A 47 13.13 -10.49 -6.53
CA PRO A 47 14.20 -10.20 -5.58
C PRO A 47 13.89 -9.25 -4.43
N VAL A 48 12.81 -8.50 -4.54
CA VAL A 48 12.44 -7.58 -3.46
C VAL A 48 11.79 -8.41 -2.34
N VAL A 49 11.32 -9.60 -2.71
CA VAL A 49 10.68 -10.53 -1.78
C VAL A 49 9.50 -9.93 -1.02
N LYS A 50 8.47 -9.57 -1.76
CA LYS A 50 7.23 -9.00 -1.21
C LYS A 50 6.08 -9.83 -1.75
N ALA A 51 5.15 -10.19 -0.85
CA ALA A 51 3.99 -10.98 -1.25
C ALA A 51 2.74 -10.16 -0.99
N PRO A 52 1.77 -10.20 -1.91
CA PRO A 52 1.73 -10.99 -3.15
C PRO A 52 2.60 -10.45 -4.27
N THR A 53 3.02 -11.36 -5.15
CA THR A 53 3.78 -11.01 -6.34
C THR A 53 2.96 -11.66 -7.45
N LEU A 54 2.76 -10.93 -8.53
CA LEU A 54 2.01 -11.47 -9.66
C LEU A 54 2.93 -11.52 -10.86
N VAL A 55 3.01 -12.69 -11.49
CA VAL A 55 3.83 -12.84 -12.68
C VAL A 55 2.83 -12.82 -13.82
N CYS A 56 2.97 -11.85 -14.71
CA CYS A 56 2.04 -11.73 -15.84
C CYS A 56 2.35 -12.71 -16.95
N GLU A 57 1.47 -12.77 -17.94
CA GLU A 57 1.60 -13.69 -19.08
C GLU A 57 2.94 -13.57 -19.77
N GLY A 58 3.44 -12.34 -19.89
CA GLY A 58 4.72 -12.11 -20.55
C GLY A 58 5.90 -12.27 -19.62
N GLY A 59 5.63 -12.60 -18.35
CA GLY A 59 6.70 -12.79 -17.40
C GLY A 59 7.00 -11.58 -16.54
N GLU A 60 6.32 -10.47 -16.79
CA GLU A 60 6.55 -9.25 -16.02
C GLU A 60 6.15 -9.49 -14.55
N VAL A 61 6.96 -8.95 -13.64
CA VAL A 61 6.71 -9.12 -12.21
C VAL A 61 6.12 -7.87 -11.56
N LEU A 62 4.99 -8.05 -10.86
CA LEU A 62 4.32 -6.94 -10.17
C LEU A 62 4.16 -7.23 -8.69
N MET A 63 4.19 -6.17 -7.88
CA MET A 63 4.00 -6.32 -6.43
C MET A 63 3.04 -5.25 -5.94
N ASP A 64 2.67 -5.36 -4.67
CA ASP A 64 1.72 -4.47 -4.00
C ASP A 64 0.31 -4.85 -4.43
N SER A 65 -0.46 -5.36 -3.49
CA SER A 65 -1.81 -5.82 -3.77
C SER A 65 -2.73 -4.83 -4.49
N SER A 66 -2.65 -3.55 -4.14
CA SER A 66 -3.52 -2.58 -4.81
C SER A 66 -3.11 -2.35 -6.26
N LEU A 67 -1.80 -2.32 -6.53
CA LEU A 67 -1.34 -2.11 -7.90
C LEU A 67 -1.63 -3.34 -8.75
N ILE A 68 -1.51 -4.52 -8.13
CA ILE A 68 -1.79 -5.77 -8.83
C ILE A 68 -3.26 -5.79 -9.23
N ILE A 69 -4.12 -5.36 -8.32
CA ILE A 69 -5.54 -5.34 -8.59
C ILE A 69 -5.88 -4.30 -9.65
N ASP A 70 -5.14 -3.20 -9.69
CA ASP A 70 -5.36 -2.17 -10.71
C ASP A 70 -5.07 -2.82 -12.06
N TYR A 71 -3.97 -3.58 -12.12
CA TYR A 71 -3.61 -4.26 -13.36
C TYR A 71 -4.70 -5.25 -13.73
N LEU A 72 -5.14 -6.06 -12.76
CA LEU A 72 -6.17 -7.05 -13.04
C LEU A 72 -7.47 -6.38 -13.50
N GLU A 73 -7.82 -5.26 -12.89
CA GLU A 73 -9.04 -4.54 -13.26
C GLU A 73 -8.93 -4.12 -14.73
N THR A 74 -7.74 -3.68 -15.13
CA THR A 74 -7.52 -3.24 -16.50
C THR A 74 -7.61 -4.42 -17.46
N LEU A 75 -7.02 -5.54 -17.05
CA LEU A 75 -7.04 -6.72 -17.88
C LEU A 75 -8.46 -7.26 -18.07
N ALA A 76 -9.25 -7.20 -17.00
CA ALA A 76 -10.62 -7.70 -17.02
C ALA A 76 -11.63 -6.81 -17.76
N GLY A 77 -11.38 -5.50 -17.78
CA GLY A 77 -12.30 -4.60 -18.45
C GLY A 77 -13.30 -3.98 -17.49
N PRO A 78 -13.81 -2.78 -17.78
CA PRO A 78 -14.78 -2.11 -16.91
C PRO A 78 -16.04 -2.90 -16.53
N GLN A 79 -16.49 -3.78 -17.41
CA GLN A 79 -17.69 -4.58 -17.14
C GLN A 79 -17.56 -5.46 -15.91
N ARG A 80 -16.33 -5.82 -15.56
CA ARG A 80 -16.11 -6.69 -14.44
C ARG A 80 -15.56 -6.04 -13.18
N SER A 81 -15.43 -4.73 -13.21
CA SER A 81 -14.89 -3.99 -12.09
C SER A 81 -15.49 -4.29 -10.72
N LEU A 82 -14.64 -4.36 -9.71
CA LEU A 82 -15.07 -4.62 -8.35
C LEU A 82 -15.22 -3.28 -7.64
N MET A 83 -15.05 -2.21 -8.41
CA MET A 83 -15.14 -0.85 -7.89
C MET A 83 -16.24 -0.02 -8.53
N PRO A 84 -16.99 0.76 -7.73
CA PRO A 84 -18.05 1.60 -8.30
C PRO A 84 -17.32 2.73 -9.04
N THR A 85 -17.97 3.38 -9.99
CA THR A 85 -17.32 4.46 -10.73
C THR A 85 -17.80 5.87 -10.38
N ALA A 86 -19.06 5.96 -9.93
CA ALA A 86 -19.64 7.23 -9.52
C ALA A 86 -18.82 7.75 -8.35
N LEU A 87 -18.50 9.05 -8.36
CA LEU A 87 -17.68 9.64 -7.30
C LEU A 87 -18.07 9.32 -5.85
N PRO A 88 -19.34 9.58 -5.47
CA PRO A 88 -19.74 9.30 -4.09
C PRO A 88 -19.49 7.85 -3.71
N GLN A 89 -20.06 6.95 -4.50
CA GLN A 89 -19.92 5.51 -4.27
C GLN A 89 -18.49 5.04 -4.30
N ARG A 90 -17.69 5.53 -5.26
CA ARG A 90 -16.30 5.10 -5.34
C ARG A 90 -15.53 5.62 -4.13
N LEU A 91 -15.83 6.86 -3.74
CA LEU A 91 -15.18 7.47 -2.60
C LEU A 91 -15.39 6.60 -1.36
N ARG A 92 -16.64 6.20 -1.14
CA ARG A 92 -16.98 5.36 0.01
C ARG A 92 -16.22 4.04 -0.06
N GLU A 93 -16.18 3.45 -1.25
CA GLU A 93 -15.48 2.18 -1.42
C GLU A 93 -14.01 2.32 -1.05
N LEU A 94 -13.39 3.39 -1.55
CA LEU A 94 -11.97 3.64 -1.27
C LEU A 94 -11.71 3.83 0.22
N ARG A 95 -12.64 4.47 0.92
CA ARG A 95 -12.47 4.66 2.35
C ARG A 95 -12.51 3.32 3.07
N LEU A 96 -13.48 2.48 2.71
CA LEU A 96 -13.60 1.17 3.34
C LEU A 96 -12.35 0.32 3.08
N VAL A 97 -11.87 0.32 1.84
CA VAL A 97 -10.68 -0.45 1.50
C VAL A 97 -9.48 0.11 2.26
N GLY A 98 -9.42 1.43 2.38
CA GLY A 98 -8.32 2.04 3.09
C GLY A 98 -8.30 1.61 4.54
N LEU A 99 -9.46 1.63 5.17
CA LEU A 99 -9.56 1.23 6.57
C LEU A 99 -9.21 -0.24 6.72
N ALA A 100 -9.71 -1.06 5.80
CA ALA A 100 -9.44 -2.49 5.86
C ALA A 100 -7.94 -2.76 5.67
N LEU A 101 -7.32 -2.04 4.76
CA LEU A 101 -5.89 -2.24 4.54
C LEU A 101 -5.08 -1.75 5.74
N ALA A 102 -5.59 -0.73 6.43
CA ALA A 102 -4.90 -0.22 7.62
C ALA A 102 -4.98 -1.28 8.72
N ALA A 103 -6.12 -1.95 8.82
CA ALA A 103 -6.28 -3.00 9.82
C ALA A 103 -5.31 -4.12 9.46
N CYS A 104 -5.15 -4.39 8.18
CA CYS A 104 -4.22 -5.44 7.75
C CYS A 104 -2.80 -5.05 8.15
N GLU A 105 -2.41 -3.83 7.80
CA GLU A 105 -1.07 -3.36 8.11
C GLU A 105 -0.75 -3.46 9.60
N LYS A 106 -1.65 -2.96 10.44
CA LYS A 106 -1.42 -3.00 11.88
C LYS A 106 -1.39 -4.42 12.44
N SER A 107 -2.24 -5.30 11.93
CA SER A 107 -2.26 -6.68 12.39
C SER A 107 -0.93 -7.33 12.04
N VAL A 108 -0.44 -7.07 10.83
CA VAL A 108 0.84 -7.62 10.38
C VAL A 108 2.00 -7.06 11.21
N GLN A 109 1.96 -5.77 11.54
CA GLN A 109 3.02 -5.18 12.33
C GLN A 109 3.12 -5.81 13.72
N ILE A 110 1.97 -6.19 14.28
CA ILE A 110 1.94 -6.83 15.59
C ILE A 110 2.57 -8.21 15.44
N VAL A 111 2.13 -8.95 14.42
CA VAL A 111 2.67 -10.29 14.17
C VAL A 111 4.20 -10.25 14.02
N TYR A 112 4.68 -9.31 13.21
CA TYR A 112 6.11 -9.16 12.97
C TYR A 112 6.89 -8.81 14.24
N GLU A 113 6.37 -7.89 15.03
CA GLU A 113 7.04 -7.45 16.25
C GLU A 113 7.19 -8.62 17.21
N ARG A 114 6.18 -9.48 17.29
CA ARG A 114 6.20 -10.63 18.20
C ARG A 114 6.89 -11.87 17.70
N ASN A 115 6.97 -12.05 16.39
CA ASN A 115 7.58 -13.27 15.85
C ASN A 115 8.91 -13.16 15.11
N LEU A 116 9.29 -11.96 14.69
CA LEU A 116 10.53 -11.80 13.94
C LEU A 116 11.73 -11.34 14.78
N ARG A 117 11.54 -11.18 16.09
CA ARG A 117 12.64 -10.77 16.96
C ARG A 117 12.45 -11.34 18.36
N PRO A 118 13.55 -11.53 19.09
CA PRO A 118 13.45 -12.09 20.46
C PRO A 118 12.66 -11.17 21.38
N ALA A 119 12.06 -11.74 22.43
CA ALA A 119 11.27 -10.97 23.38
C ALA A 119 11.97 -9.71 23.90
N GLU A 120 13.24 -9.84 24.27
CA GLU A 120 14.03 -8.73 24.81
C GLU A 120 14.05 -7.49 23.93
N LYS A 121 13.99 -7.70 22.62
CA LYS A 121 14.04 -6.61 21.66
C LYS A 121 12.67 -6.09 21.29
N GLN A 122 11.61 -6.71 21.82
CA GLN A 122 10.26 -6.26 21.53
C GLN A 122 9.97 -4.96 22.30
N HIS A 123 9.34 -4.03 21.60
CA HIS A 123 9.05 -2.71 22.14
C HIS A 123 7.59 -2.43 22.51
N GLY A 124 7.34 -2.35 23.82
CA GLY A 124 5.98 -2.09 24.31
C GLY A 124 5.30 -0.87 23.72
N PRO A 125 5.95 0.31 23.73
CA PRO A 125 5.30 1.49 23.18
C PRO A 125 4.89 1.33 21.72
N TRP A 126 5.63 0.52 20.97
CA TRP A 126 5.30 0.29 19.56
C TRP A 126 4.05 -0.56 19.46
N LEU A 127 3.97 -1.63 20.24
CA LEU A 127 2.81 -2.50 20.23
C LEU A 127 1.56 -1.74 20.68
N GLU A 128 1.74 -0.86 21.67
CA GLU A 128 0.63 -0.07 22.17
C GLU A 128 0.07 0.85 21.09
N ARG A 129 0.96 1.50 20.35
CA ARG A 129 0.55 2.40 19.30
C ARG A 129 -0.18 1.66 18.19
N VAL A 130 0.43 0.59 17.70
CA VAL A 130 -0.13 -0.19 16.62
C VAL A 130 -1.46 -0.81 17.02
N GLY A 131 -1.53 -1.32 18.24
CA GLY A 131 -2.77 -1.92 18.72
C GLY A 131 -3.89 -0.89 18.74
N GLY A 132 -3.55 0.34 19.13
CA GLY A 132 -4.55 1.39 19.17
C GLY A 132 -5.04 1.74 17.78
N GLN A 133 -4.11 1.74 16.83
CA GLN A 133 -4.46 2.06 15.45
C GLN A 133 -5.34 0.98 14.86
N LEU A 134 -5.07 -0.28 15.23
CA LEU A 134 -5.87 -1.40 14.75
C LEU A 134 -7.31 -1.26 15.25
N GLN A 135 -7.46 -0.93 16.53
CA GLN A 135 -8.78 -0.76 17.12
C GLN A 135 -9.53 0.40 16.45
N ALA A 136 -8.80 1.47 16.15
CA ALA A 136 -9.40 2.63 15.51
C ALA A 136 -9.90 2.26 14.12
N ALA A 137 -9.09 1.52 13.38
CA ALA A 137 -9.46 1.10 12.03
C ALA A 137 -10.78 0.34 12.04
N TYR A 138 -10.88 -0.69 12.87
CA TYR A 138 -12.11 -1.46 12.93
C TYR A 138 -13.26 -0.63 13.50
N GLY A 139 -12.93 0.34 14.35
CA GLY A 139 -13.94 1.21 14.92
C GLY A 139 -14.58 2.04 13.83
N GLU A 140 -13.74 2.58 12.94
CA GLU A 140 -14.23 3.38 11.83
C GLU A 140 -15.05 2.54 10.88
N LEU A 141 -14.59 1.31 10.63
CA LEU A 141 -15.31 0.40 9.75
C LEU A 141 -16.69 0.08 10.34
N GLU A 142 -16.72 -0.13 11.65
CA GLU A 142 -17.96 -0.45 12.35
C GLU A 142 -18.97 0.70 12.22
N GLN A 143 -18.48 1.93 12.32
CA GLN A 143 -19.37 3.08 12.19
C GLN A 143 -19.90 3.21 10.77
N GLU A 144 -19.03 2.94 9.79
CA GLU A 144 -19.44 3.03 8.39
C GLU A 144 -20.53 2.01 8.09
N LEU A 145 -20.32 0.77 8.52
CA LEU A 145 -21.31 -0.28 8.30
C LEU A 145 -22.59 -0.09 9.11
N GLN A 146 -22.48 0.43 10.32
CA GLN A 146 -23.67 0.68 11.14
C GLN A 146 -24.54 1.73 10.43
N LYS A 147 -23.88 2.70 9.82
CA LYS A 147 -24.58 3.78 9.10
C LYS A 147 -25.12 3.30 7.76
N GLN A 148 -24.31 2.54 7.03
CA GLN A 148 -24.72 2.04 5.73
C GLN A 148 -24.25 0.59 5.50
N PRO A 149 -25.12 -0.38 5.82
CA PRO A 149 -24.79 -1.80 5.66
C PRO A 149 -24.40 -2.18 4.24
N LEU A 150 -23.48 -3.13 4.12
CA LEU A 150 -23.02 -3.62 2.83
C LEU A 150 -24.02 -4.62 2.27
N PRO A 151 -24.15 -4.69 0.94
CA PRO A 151 -25.10 -5.65 0.39
C PRO A 151 -24.67 -7.10 0.63
N ARG A 152 -25.65 -7.98 0.77
CA ARG A 152 -25.42 -9.40 0.95
C ARG A 152 -26.26 -10.07 -0.13
N ASP A 153 -25.78 -10.00 -1.36
CA ASP A 153 -26.49 -10.55 -2.51
C ASP A 153 -25.69 -11.58 -3.30
N GLY A 154 -24.61 -12.07 -2.71
CA GLY A 154 -23.79 -13.06 -3.40
C GLY A 154 -22.70 -12.45 -4.25
N SER A 155 -22.77 -11.14 -4.48
CA SER A 155 -21.75 -10.46 -5.27
C SER A 155 -20.85 -9.68 -4.32
N LEU A 156 -19.64 -9.39 -4.77
CA LEU A 156 -18.68 -8.65 -3.96
C LEU A 156 -17.99 -7.52 -4.67
N GLY A 157 -17.68 -6.49 -3.89
CA GLY A 157 -16.96 -5.34 -4.41
C GLY A 157 -15.63 -5.42 -3.71
N GLN A 158 -14.70 -4.53 -4.02
CA GLN A 158 -13.38 -4.58 -3.38
C GLN A 158 -13.45 -4.32 -1.88
N ALA A 159 -14.36 -3.45 -1.46
CA ALA A 159 -14.48 -3.16 -0.03
C ALA A 159 -14.91 -4.43 0.70
N GLY A 160 -15.91 -5.12 0.16
CA GLY A 160 -16.37 -6.35 0.79
C GLY A 160 -15.28 -7.41 0.88
N ILE A 161 -14.54 -7.58 -0.21
CA ILE A 161 -13.47 -8.58 -0.23
C ILE A 161 -12.41 -8.22 0.79
N SER A 162 -11.87 -7.01 0.66
CA SER A 162 -10.83 -6.55 1.56
C SER A 162 -11.23 -6.54 3.03
N LEU A 163 -12.45 -6.11 3.33
CA LEU A 163 -12.90 -6.06 4.71
C LEU A 163 -13.03 -7.46 5.33
N ALA A 164 -13.59 -8.40 4.57
CA ALA A 164 -13.75 -9.77 5.07
C ALA A 164 -12.40 -10.43 5.27
N VAL A 165 -11.52 -10.28 4.29
CA VAL A 165 -10.19 -10.86 4.39
C VAL A 165 -9.43 -10.30 5.60
N ALA A 166 -9.53 -8.97 5.77
CA ALA A 166 -8.87 -8.29 6.88
C ALA A 166 -9.37 -8.79 8.24
N TRP A 167 -10.69 -8.82 8.41
CA TRP A 167 -11.26 -9.28 9.67
C TRP A 167 -10.85 -10.70 10.00
N SER A 168 -10.99 -11.61 9.03
CA SER A 168 -10.62 -13.00 9.28
C SER A 168 -9.14 -13.13 9.62
N PHE A 169 -8.30 -12.33 8.99
CA PHE A 169 -6.87 -12.39 9.28
C PHE A 169 -6.59 -11.95 10.71
N SER A 170 -7.21 -10.85 11.14
CA SER A 170 -6.97 -10.36 12.49
C SER A 170 -7.40 -11.39 13.53
N GLN A 171 -8.53 -12.04 13.29
CA GLN A 171 -9.03 -13.05 14.22
C GLN A 171 -8.13 -14.28 14.28
N MET A 172 -7.42 -14.54 13.19
CA MET A 172 -6.52 -15.69 13.13
C MET A 172 -5.15 -15.41 13.73
N MET A 173 -4.63 -14.20 13.52
CA MET A 173 -3.29 -13.86 13.99
C MET A 173 -3.12 -12.94 15.20
N VAL A 174 -4.07 -12.04 15.46
CA VAL A 174 -3.96 -11.13 16.61
C VAL A 174 -5.28 -11.08 17.38
N ALA A 175 -5.88 -12.25 17.57
CA ALA A 175 -7.16 -12.38 18.26
C ALA A 175 -7.16 -11.80 19.67
N ASP A 176 -5.97 -11.72 20.28
CA ASP A 176 -5.83 -11.17 21.63
C ASP A 176 -6.15 -9.69 21.72
N GLN A 177 -6.39 -9.07 20.57
CA GLN A 177 -6.70 -7.65 20.51
C GLN A 177 -8.22 -7.48 20.42
N PHE A 178 -8.95 -8.59 20.47
CA PHE A 178 -10.40 -8.55 20.36
C PHE A 178 -11.14 -9.36 21.42
N ASN A 179 -12.42 -9.02 21.62
CA ASN A 179 -13.27 -9.72 22.57
C ASN A 179 -14.59 -10.08 21.88
N PRO A 180 -15.26 -11.17 22.34
CA PRO A 180 -16.53 -11.61 21.74
C PRO A 180 -17.61 -10.53 21.66
N GLY A 181 -18.22 -10.40 20.47
CA GLY A 181 -19.25 -9.40 20.29
C GLY A 181 -18.75 -8.06 19.80
N GLN A 182 -17.44 -7.83 19.90
CA GLN A 182 -16.82 -6.58 19.47
C GLN A 182 -16.97 -6.40 17.95
N PHE A 183 -17.23 -5.17 17.53
CA PHE A 183 -17.39 -4.85 16.11
C PHE A 183 -18.37 -5.82 15.44
N PRO A 184 -19.61 -5.90 15.97
CA PRO A 184 -20.63 -6.80 15.40
C PRO A 184 -20.95 -6.65 13.92
N ALA A 185 -20.99 -5.42 13.42
CA ALA A 185 -21.30 -5.21 12.01
C ALA A 185 -20.18 -5.77 11.12
N VAL A 186 -18.94 -5.47 11.49
CA VAL A 186 -17.81 -5.95 10.70
C VAL A 186 -17.73 -7.47 10.77
N ARG A 187 -17.82 -8.02 11.97
CA ARG A 187 -17.76 -9.47 12.15
C ARG A 187 -18.88 -10.13 11.36
N GLY A 188 -20.08 -9.57 11.50
CA GLY A 188 -21.22 -10.11 10.80
C GLY A 188 -21.00 -10.19 9.30
N PHE A 189 -20.52 -9.12 8.68
CA PHE A 189 -20.30 -9.16 7.25
C PHE A 189 -19.20 -10.15 6.88
N ALA A 190 -18.11 -10.15 7.64
CA ALA A 190 -16.99 -11.05 7.35
C ALA A 190 -17.42 -12.52 7.41
N GLU A 191 -18.23 -12.86 8.41
CA GLU A 191 -18.69 -14.23 8.56
C GLU A 191 -19.68 -14.61 7.48
N TYR A 192 -20.37 -13.61 6.93
CA TYR A 192 -21.31 -13.85 5.83
C TYR A 192 -20.47 -14.13 4.58
N ALA A 193 -19.50 -13.27 4.32
CA ALA A 193 -18.64 -13.39 3.15
C ALA A 193 -17.85 -14.70 3.12
N GLU A 194 -17.42 -15.14 4.30
CA GLU A 194 -16.63 -16.36 4.39
C GLU A 194 -17.41 -17.60 3.96
N GLN A 195 -18.72 -17.49 3.84
CA GLN A 195 -19.51 -18.64 3.41
C GLN A 195 -19.88 -18.54 1.93
N LEU A 196 -19.39 -17.50 1.27
CA LEU A 196 -19.64 -17.33 -0.16
C LEU A 196 -18.74 -18.33 -0.89
N PRO A 197 -19.16 -18.81 -2.06
CA PRO A 197 -18.34 -19.77 -2.80
C PRO A 197 -16.89 -19.35 -3.03
N VAL A 198 -16.69 -18.11 -3.43
CA VAL A 198 -15.34 -17.62 -3.71
C VAL A 198 -14.42 -17.63 -2.49
N PHE A 199 -14.96 -17.35 -1.31
CA PHE A 199 -14.16 -17.36 -0.08
C PHE A 199 -13.90 -18.80 0.34
N LEU A 200 -14.93 -19.64 0.23
CA LEU A 200 -14.80 -21.04 0.59
C LEU A 200 -13.76 -21.72 -0.31
N ALA A 201 -13.66 -21.26 -1.54
CA ALA A 201 -12.71 -21.83 -2.50
C ALA A 201 -11.31 -21.22 -2.37
N THR A 202 -11.16 -20.26 -1.47
CA THR A 202 -9.87 -19.61 -1.26
C THR A 202 -9.62 -19.47 0.25
N PRO A 203 -9.44 -20.59 0.94
CA PRO A 203 -9.20 -20.54 2.39
C PRO A 203 -7.86 -19.92 2.76
N ALA A 204 -7.86 -19.16 3.86
CA ALA A 204 -6.64 -18.52 4.31
C ALA A 204 -5.66 -19.58 4.78
N THR A 205 -6.21 -20.66 5.33
CA THR A 205 -5.43 -21.77 5.85
C THR A 205 -6.23 -23.05 5.59
N LEU B 3 -10.23 20.34 -0.91
CA LEU B 3 -9.42 19.14 -0.57
C LEU B 3 -8.33 19.49 0.43
N LYS B 4 -8.10 18.63 1.40
CA LYS B 4 -7.06 18.88 2.38
C LYS B 4 -6.13 17.68 2.45
N LEU B 5 -4.83 17.94 2.42
CA LEU B 5 -3.84 16.87 2.51
C LEU B 5 -3.20 16.96 3.90
N ILE B 6 -3.34 15.91 4.70
CA ILE B 6 -2.77 15.92 6.03
C ILE B 6 -1.53 15.05 6.10
N GLY B 7 -0.41 15.65 6.51
CA GLY B 7 0.83 14.90 6.62
C GLY B 7 2.04 15.76 6.32
N MET B 8 3.23 15.26 6.64
CA MET B 8 4.46 15.98 6.40
C MET B 8 5.08 15.52 5.08
N LEU B 9 5.60 16.47 4.30
CA LEU B 9 6.19 16.15 3.01
C LEU B 9 7.48 15.33 3.09
N ASP B 10 8.03 15.16 4.28
CA ASP B 10 9.23 14.36 4.39
C ASP B 10 8.86 12.89 4.25
N SER B 11 7.57 12.59 4.34
CA SER B 11 7.11 11.21 4.14
C SER B 11 6.94 11.09 2.62
N PRO B 12 7.54 10.06 2.01
CA PRO B 12 7.42 9.90 0.57
C PRO B 12 5.99 9.59 0.13
N TYR B 13 5.20 9.02 1.04
CA TYR B 13 3.81 8.69 0.72
C TYR B 13 3.01 9.98 0.65
N VAL B 14 3.31 10.92 1.53
CA VAL B 14 2.62 12.20 1.53
C VAL B 14 3.07 13.02 0.33
N ARG B 15 4.38 13.04 0.10
CA ARG B 15 4.93 13.82 -1.01
C ARG B 15 4.45 13.34 -2.37
N ARG B 16 4.32 12.03 -2.57
CA ARG B 16 3.86 11.54 -3.87
C ARG B 16 2.43 12.01 -4.11
N VAL B 17 1.64 12.10 -3.05
CA VAL B 17 0.27 12.57 -3.22
C VAL B 17 0.25 14.06 -3.52
N ALA B 18 1.08 14.82 -2.81
CA ALA B 18 1.16 16.26 -3.02
C ALA B 18 1.54 16.60 -4.45
N ILE B 19 2.55 15.93 -4.98
CA ILE B 19 2.98 16.19 -6.35
C ILE B 19 1.95 15.67 -7.34
N SER B 20 1.26 14.58 -6.99
CA SER B 20 0.22 14.06 -7.88
C SER B 20 -0.91 15.08 -7.96
N LEU B 21 -1.27 15.66 -6.82
CA LEU B 21 -2.33 16.66 -6.77
C LEU B 21 -2.00 17.83 -7.70
N LYS B 22 -0.79 18.35 -7.56
CA LYS B 22 -0.38 19.46 -8.39
C LYS B 22 -0.34 19.08 -9.86
N SER B 23 0.16 17.88 -10.15
CA SER B 23 0.25 17.41 -11.53
C SER B 23 -1.11 17.17 -12.15
N LEU B 24 -2.10 16.80 -11.34
CA LEU B 24 -3.45 16.56 -11.83
C LEU B 24 -4.20 17.88 -11.96
N GLY B 25 -3.63 18.96 -11.43
CA GLY B 25 -4.26 20.27 -11.49
C GLY B 25 -5.37 20.47 -10.47
N LEU B 26 -5.34 19.68 -9.40
CA LEU B 26 -6.37 19.78 -8.37
C LEU B 26 -5.89 20.65 -7.20
N PRO B 27 -6.57 21.78 -6.94
CA PRO B 27 -6.13 22.62 -5.81
C PRO B 27 -6.42 21.96 -4.47
N PHE B 28 -5.62 22.28 -3.46
CA PHE B 28 -5.81 21.70 -2.14
C PHE B 28 -5.11 22.49 -1.04
N GLU B 29 -5.50 22.24 0.20
CA GLU B 29 -4.88 22.88 1.36
C GLU B 29 -3.93 21.85 1.95
N HIS B 30 -2.74 22.27 2.33
CA HIS B 30 -1.80 21.33 2.92
C HIS B 30 -1.72 21.59 4.41
N HIS B 31 -1.97 20.56 5.21
CA HIS B 31 -1.89 20.66 6.66
C HIS B 31 -0.69 19.82 7.07
N SER B 32 0.41 20.50 7.41
CA SER B 32 1.63 19.82 7.80
C SER B 32 1.57 19.31 9.24
N LEU B 33 1.10 18.08 9.37
CA LEU B 33 0.93 17.43 10.66
C LEU B 33 1.69 16.10 10.71
N SER B 34 2.34 15.84 11.83
CA SER B 34 3.11 14.62 12.04
C SER B 34 2.32 13.57 12.80
N VAL B 35 2.46 12.32 12.38
CA VAL B 35 1.77 11.21 13.04
C VAL B 35 2.51 10.89 14.35
N PHE B 36 3.63 11.56 14.59
CA PHE B 36 4.40 11.32 15.81
C PHE B 36 4.45 12.53 16.75
N SER B 37 4.93 13.67 16.25
CA SER B 37 5.05 14.86 17.07
C SER B 37 3.72 15.57 17.33
N THR B 38 2.70 15.24 16.54
CA THR B 38 1.37 15.84 16.75
C THR B 38 0.30 14.74 16.62
N PHE B 39 0.53 13.65 17.36
CA PHE B 39 -0.38 12.50 17.35
C PHE B 39 -1.84 12.86 17.60
N GLU B 40 -2.11 13.57 18.70
CA GLU B 40 -3.48 13.93 19.02
C GLU B 40 -4.18 14.77 17.96
N GLN B 41 -3.47 15.76 17.42
CA GLN B 41 -4.06 16.60 16.39
C GLN B 41 -4.39 15.78 15.15
N PHE B 42 -3.51 14.83 14.83
CA PHE B 42 -3.73 14.00 13.64
C PHE B 42 -4.87 13.02 13.93
N LYS B 43 -4.90 12.48 15.13
CA LYS B 43 -5.92 11.51 15.55
C LYS B 43 -7.32 12.13 15.50
N ALA B 44 -7.41 13.43 15.76
CA ALA B 44 -8.70 14.12 15.73
C ALA B 44 -9.25 14.21 14.31
N ILE B 45 -8.36 14.14 13.32
CA ILE B 45 -8.77 14.21 11.93
C ILE B 45 -8.98 12.81 11.37
N ASN B 46 -8.10 11.89 11.74
CA ASN B 46 -8.18 10.49 11.31
C ASN B 46 -7.72 9.61 12.47
N PRO B 47 -8.69 8.96 13.16
CA PRO B 47 -8.42 8.08 14.30
C PRO B 47 -7.36 7.01 14.10
N VAL B 48 -7.11 6.62 12.85
CA VAL B 48 -6.12 5.58 12.56
C VAL B 48 -4.70 6.14 12.54
N VAL B 49 -4.59 7.46 12.45
CA VAL B 49 -3.30 8.16 12.44
C VAL B 49 -2.32 7.63 11.39
N LYS B 50 -2.71 7.72 10.12
CA LYS B 50 -1.87 7.30 9.01
C LYS B 50 -1.75 8.48 8.05
N ALA B 51 -0.53 8.75 7.63
CA ALA B 51 -0.28 9.83 6.69
C ALA B 51 0.20 9.19 5.39
N PRO B 52 -0.24 9.71 4.24
CA PRO B 52 -1.14 10.85 4.08
C PRO B 52 -2.60 10.51 4.32
N THR B 53 -3.34 11.51 4.76
CA THR B 53 -4.79 11.39 4.96
C THR B 53 -5.32 12.51 4.08
N LEU B 54 -6.38 12.23 3.33
CA LEU B 54 -6.98 13.24 2.47
C LEU B 54 -8.40 13.48 2.99
N VAL B 55 -8.74 14.74 3.21
CA VAL B 55 -10.09 15.08 3.64
C VAL B 55 -10.75 15.65 2.40
N CYS B 56 -11.79 14.98 1.93
CA CYS B 56 -12.49 15.43 0.74
C CYS B 56 -13.40 16.62 0.99
N GLU B 57 -13.92 17.20 -0.09
CA GLU B 57 -14.81 18.36 0.00
C GLU B 57 -15.96 18.14 0.96
N GLY B 58 -16.58 16.96 0.88
CA GLY B 58 -17.70 16.63 1.73
C GLY B 58 -17.32 16.26 3.15
N GLY B 59 -16.03 16.15 3.42
CA GLY B 59 -15.58 15.83 4.77
C GLY B 59 -15.09 14.40 4.94
N GLU B 60 -15.30 13.58 3.91
CA GLU B 60 -14.88 12.18 3.93
C GLU B 60 -13.38 12.07 4.15
N VAL B 61 -12.95 11.07 4.92
CA VAL B 61 -11.53 10.86 5.20
C VAL B 61 -10.98 9.62 4.50
N LEU B 62 -9.94 9.81 3.69
CA LEU B 62 -9.30 8.71 2.97
C LEU B 62 -7.84 8.54 3.35
N MET B 63 -7.37 7.30 3.36
CA MET B 63 -5.97 7.02 3.66
C MET B 63 -5.37 6.09 2.61
N ASP B 64 -4.06 5.88 2.69
CA ASP B 64 -3.26 5.07 1.76
C ASP B 64 -3.05 5.86 0.47
N SER B 65 -1.81 6.27 0.24
CA SER B 65 -1.46 7.08 -0.92
C SER B 65 -1.99 6.57 -2.26
N SER B 66 -1.92 5.26 -2.51
CA SER B 66 -2.41 4.73 -3.77
C SER B 66 -3.92 4.85 -3.92
N LEU B 67 -4.66 4.63 -2.84
CA LEU B 67 -6.11 4.75 -2.91
C LEU B 67 -6.47 6.23 -3.07
N ILE B 68 -5.75 7.09 -2.37
CA ILE B 68 -5.99 8.53 -2.47
C ILE B 68 -5.77 8.98 -3.90
N ILE B 69 -4.68 8.54 -4.50
CA ILE B 69 -4.40 8.93 -5.88
C ILE B 69 -5.46 8.38 -6.85
N ASP B 70 -5.99 7.20 -6.54
CA ASP B 70 -7.03 6.59 -7.36
C ASP B 70 -8.25 7.54 -7.33
N TYR B 71 -8.58 8.02 -6.14
CA TYR B 71 -9.71 8.94 -5.96
C TYR B 71 -9.42 10.22 -6.76
N LEU B 72 -8.20 10.73 -6.63
CA LEU B 72 -7.82 11.95 -7.35
C LEU B 72 -7.85 11.76 -8.86
N GLU B 73 -7.42 10.59 -9.33
CA GLU B 73 -7.42 10.30 -10.77
C GLU B 73 -8.87 10.39 -11.25
N THR B 74 -9.78 9.90 -10.42
CA THR B 74 -11.21 9.90 -10.73
C THR B 74 -11.78 11.32 -10.81
N LEU B 75 -11.44 12.16 -9.83
CA LEU B 75 -11.92 13.54 -9.84
C LEU B 75 -11.39 14.30 -11.05
N ALA B 76 -10.10 14.12 -11.32
CA ALA B 76 -9.43 14.80 -12.42
C ALA B 76 -9.87 14.46 -13.84
N GLY B 77 -10.26 13.20 -14.07
CA GLY B 77 -10.67 12.80 -15.40
C GLY B 77 -9.56 12.16 -16.21
N PRO B 78 -9.90 11.32 -17.20
CA PRO B 78 -8.90 10.63 -18.04
C PRO B 78 -7.86 11.50 -18.75
N GLN B 79 -8.25 12.70 -19.16
CA GLN B 79 -7.32 13.60 -19.85
C GLN B 79 -6.15 14.01 -18.98
N ARG B 80 -6.39 14.05 -17.67
CA ARG B 80 -5.38 14.45 -16.70
C ARG B 80 -4.59 13.28 -16.10
N SER B 81 -5.00 12.05 -16.41
CA SER B 81 -4.35 10.88 -15.83
C SER B 81 -2.84 10.85 -15.86
N LEU B 82 -2.24 10.37 -14.76
CA LEU B 82 -0.79 10.26 -14.67
C LEU B 82 -0.40 8.82 -15.00
N MET B 83 -1.37 8.03 -15.43
CA MET B 83 -1.18 6.63 -15.76
C MET B 83 -1.51 6.28 -17.20
N PRO B 84 -0.72 5.38 -17.81
CA PRO B 84 -0.99 4.97 -19.19
C PRO B 84 -2.25 4.10 -19.11
N THR B 85 -2.96 3.94 -20.21
CA THR B 85 -4.17 3.13 -20.24
C THR B 85 -3.95 1.83 -20.98
N ALA B 86 -3.10 1.87 -22.01
CA ALA B 86 -2.81 0.68 -22.79
C ALA B 86 -2.12 -0.33 -21.86
N LEU B 87 -2.61 -1.57 -21.89
CA LEU B 87 -2.07 -2.63 -21.05
C LEU B 87 -0.56 -2.77 -20.91
N PRO B 88 0.18 -2.87 -22.03
CA PRO B 88 1.63 -3.01 -21.92
C PRO B 88 2.30 -1.87 -21.15
N GLN B 89 1.90 -0.65 -21.50
CA GLN B 89 2.43 0.55 -20.89
C GLN B 89 1.95 0.71 -19.45
N ARG B 90 0.69 0.39 -19.17
CA ARG B 90 0.19 0.50 -17.80
C ARG B 90 0.85 -0.54 -16.92
N LEU B 91 1.14 -1.71 -17.50
CA LEU B 91 1.79 -2.77 -16.74
C LEU B 91 3.17 -2.28 -16.30
N ARG B 92 3.94 -1.72 -17.24
CA ARG B 92 5.27 -1.22 -16.90
C ARG B 92 5.18 -0.12 -15.84
N GLU B 93 4.24 0.79 -16.01
CA GLU B 93 4.08 1.89 -15.06
C GLU B 93 3.81 1.32 -13.67
N LEU B 94 2.88 0.37 -13.58
CA LEU B 94 2.54 -0.25 -12.31
C LEU B 94 3.72 -0.99 -11.70
N ARG B 95 4.55 -1.60 -12.54
CA ARG B 95 5.72 -2.30 -12.02
C ARG B 95 6.69 -1.28 -11.43
N LEU B 96 6.89 -0.17 -12.13
CA LEU B 96 7.80 0.87 -11.65
C LEU B 96 7.29 1.48 -10.35
N VAL B 97 5.99 1.75 -10.27
CA VAL B 97 5.43 2.33 -9.07
C VAL B 97 5.56 1.35 -7.91
N GLY B 98 5.33 0.07 -8.20
CA GLY B 98 5.42 -0.94 -7.16
C GLY B 98 6.82 -1.06 -6.58
N LEU B 99 7.82 -0.91 -7.44
CA LEU B 99 9.21 -1.01 -6.99
C LEU B 99 9.56 0.22 -6.18
N ALA B 100 9.08 1.37 -6.63
CA ALA B 100 9.35 2.63 -5.93
C ALA B 100 8.72 2.59 -4.53
N LEU B 101 7.49 2.11 -4.45
CA LEU B 101 6.80 2.04 -3.17
C LEU B 101 7.45 1.01 -2.25
N ALA B 102 8.02 -0.04 -2.84
CA ALA B 102 8.71 -1.04 -2.03
C ALA B 102 9.93 -0.37 -1.43
N ALA B 103 10.59 0.46 -2.24
CA ALA B 103 11.79 1.17 -1.77
C ALA B 103 11.38 2.10 -0.63
N CYS B 104 10.26 2.77 -0.79
CA CYS B 104 9.75 3.67 0.25
C CYS B 104 9.49 2.88 1.53
N GLU B 105 8.81 1.74 1.38
CA GLU B 105 8.48 0.91 2.53
C GLU B 105 9.72 0.47 3.31
N LYS B 106 10.72 -0.04 2.60
CA LYS B 106 11.93 -0.52 3.25
C LYS B 106 12.74 0.63 3.85
N SER B 107 12.71 1.78 3.20
CA SER B 107 13.45 2.93 3.72
C SER B 107 12.80 3.35 5.04
N VAL B 108 11.47 3.44 5.05
CA VAL B 108 10.74 3.84 6.23
C VAL B 108 10.95 2.82 7.37
N GLN B 109 11.02 1.54 7.01
CA GLN B 109 11.22 0.50 8.02
C GLN B 109 12.59 0.62 8.70
N ILE B 110 13.59 1.05 7.93
CA ILE B 110 14.93 1.23 8.49
C ILE B 110 14.87 2.42 9.44
N VAL B 111 14.22 3.49 9.00
CA VAL B 111 14.08 4.69 9.83
C VAL B 111 13.37 4.35 11.15
N TYR B 112 12.26 3.62 11.05
CA TYR B 112 11.49 3.24 12.22
C TYR B 112 12.32 2.40 13.21
N GLU B 113 13.04 1.42 12.68
CA GLU B 113 13.86 0.54 13.50
C GLU B 113 14.93 1.34 14.26
N ARG B 114 15.52 2.33 13.59
CA ARG B 114 16.56 3.16 14.19
C ARG B 114 16.11 4.34 15.04
N ASN B 115 14.82 4.68 15.03
CA ASN B 115 14.35 5.84 15.83
C ASN B 115 13.17 5.66 16.77
N LEU B 116 12.37 4.63 16.58
CA LEU B 116 11.21 4.42 17.45
C LEU B 116 11.55 3.48 18.61
N ARG B 117 12.77 2.95 18.61
CA ARG B 117 13.20 2.11 19.72
C ARG B 117 14.64 2.40 20.07
N PRO B 118 14.99 2.27 21.34
CA PRO B 118 16.37 2.53 21.75
C PRO B 118 17.27 1.51 21.11
N ALA B 119 18.58 1.74 21.26
CA ALA B 119 19.59 0.87 20.70
C ALA B 119 19.39 -0.60 21.03
N GLU B 120 19.20 -0.92 22.31
CA GLU B 120 19.01 -2.30 22.77
C GLU B 120 17.73 -3.00 22.29
N LYS B 121 16.85 -2.27 21.60
CA LYS B 121 15.61 -2.88 21.08
C LYS B 121 15.79 -3.15 19.59
N GLN B 122 16.82 -2.56 19.00
CA GLN B 122 17.09 -2.72 17.57
C GLN B 122 17.61 -4.12 17.24
N HIS B 123 17.02 -4.72 16.20
CA HIS B 123 17.33 -6.06 15.76
C HIS B 123 18.09 -6.13 14.44
N GLY B 124 19.37 -6.50 14.53
CA GLY B 124 20.23 -6.57 13.37
C GLY B 124 19.76 -7.40 12.20
N PRO B 125 19.23 -8.62 12.44
CA PRO B 125 18.77 -9.43 11.30
C PRO B 125 17.70 -8.76 10.47
N TRP B 126 16.79 -8.04 11.14
CA TRP B 126 15.71 -7.35 10.46
C TRP B 126 16.27 -6.21 9.60
N LEU B 127 17.17 -5.43 10.16
CA LEU B 127 17.78 -4.32 9.42
C LEU B 127 18.53 -4.85 8.21
N GLU B 128 19.21 -5.98 8.37
CA GLU B 128 19.96 -6.56 7.24
C GLU B 128 19.01 -7.05 6.15
N ARG B 129 17.88 -7.64 6.57
CA ARG B 129 16.89 -8.15 5.62
C ARG B 129 16.29 -7.00 4.82
N VAL B 130 15.77 -6.01 5.54
CA VAL B 130 15.16 -4.86 4.92
C VAL B 130 16.13 -4.10 4.02
N GLY B 131 17.37 -3.97 4.49
CA GLY B 131 18.38 -3.28 3.70
C GLY B 131 18.60 -4.02 2.38
N GLY B 132 18.58 -5.36 2.43
CA GLY B 132 18.78 -6.15 1.24
C GLY B 132 17.63 -5.96 0.25
N GLN B 133 16.41 -5.85 0.77
CA GLN B 133 15.25 -5.67 -0.08
C GLN B 133 15.28 -4.27 -0.70
N LEU B 134 15.78 -3.29 0.04
CA LEU B 134 15.87 -1.92 -0.48
C LEU B 134 16.81 -1.91 -1.69
N GLN B 135 17.95 -2.55 -1.55
CA GLN B 135 18.93 -2.65 -2.64
C GLN B 135 18.33 -3.35 -3.86
N ALA B 136 17.53 -4.39 -3.61
CA ALA B 136 16.90 -5.13 -4.68
C ALA B 136 15.88 -4.27 -5.42
N ALA B 137 15.10 -3.49 -4.67
CA ALA B 137 14.10 -2.64 -5.30
C ALA B 137 14.74 -1.66 -6.29
N TYR B 138 15.80 -0.97 -5.87
CA TYR B 138 16.47 -0.02 -6.76
C TYR B 138 17.25 -0.73 -7.86
N GLY B 139 17.69 -1.95 -7.60
CA GLY B 139 18.41 -2.70 -8.61
C GLY B 139 17.46 -3.01 -9.75
N GLU B 140 16.23 -3.41 -9.41
CA GLU B 140 15.23 -3.73 -10.41
C GLU B 140 14.81 -2.46 -11.16
N LEU B 141 14.66 -1.37 -10.44
CA LEU B 141 14.28 -0.11 -11.06
C LEU B 141 15.34 0.33 -12.05
N GLU B 142 16.60 0.18 -11.64
CA GLU B 142 17.73 0.55 -12.48
C GLU B 142 17.69 -0.24 -13.79
N GLN B 143 17.43 -1.54 -13.71
CA GLN B 143 17.38 -2.36 -14.92
C GLN B 143 16.24 -1.93 -15.84
N GLU B 144 15.13 -1.49 -15.24
CA GLU B 144 13.98 -1.05 -16.02
C GLU B 144 14.32 0.24 -16.75
N LEU B 145 14.97 1.17 -16.06
CA LEU B 145 15.33 2.45 -16.66
C LEU B 145 16.39 2.27 -17.75
N GLN B 146 17.33 1.37 -17.54
CA GLN B 146 18.37 1.12 -18.54
C GLN B 146 17.72 0.57 -19.82
N LYS B 147 16.67 -0.23 -19.63
CA LYS B 147 15.94 -0.84 -20.73
C LYS B 147 15.16 0.23 -21.51
N GLN B 148 14.40 1.05 -20.79
CA GLN B 148 13.60 2.11 -21.40
C GLN B 148 13.69 3.38 -20.56
N PRO B 149 14.58 4.31 -20.95
CA PRO B 149 14.71 5.56 -20.19
C PRO B 149 13.39 6.32 -20.08
N LEU B 150 13.26 7.08 -19.01
CA LEU B 150 12.06 7.85 -18.78
C LEU B 150 12.19 9.19 -19.50
N PRO B 151 11.07 9.71 -20.04
CA PRO B 151 11.11 10.99 -20.75
C PRO B 151 11.51 12.16 -19.85
N ARG B 152 12.23 13.11 -20.42
CA ARG B 152 12.65 14.31 -19.70
C ARG B 152 12.15 15.51 -20.48
N ASP B 153 10.82 15.67 -20.50
CA ASP B 153 10.18 16.74 -21.25
C ASP B 153 9.42 17.69 -20.33
N GLY B 154 9.66 17.58 -19.02
CA GLY B 154 8.97 18.44 -18.08
C GLY B 154 7.65 17.86 -17.60
N SER B 155 7.22 16.75 -18.20
CA SER B 155 5.96 16.14 -17.78
C SER B 155 6.27 14.93 -16.92
N LEU B 156 5.29 14.49 -16.14
CA LEU B 156 5.49 13.36 -15.26
C LEU B 156 4.32 12.40 -15.25
N GLY B 157 4.65 11.13 -15.00
CA GLY B 157 3.65 10.09 -14.90
C GLY B 157 3.80 9.63 -13.46
N GLN B 158 2.91 8.76 -13.00
CA GLN B 158 3.00 8.29 -11.62
C GLN B 158 4.31 7.59 -11.30
N ALA B 159 4.86 6.85 -12.27
CA ALA B 159 6.12 6.16 -12.07
C ALA B 159 7.24 7.16 -11.82
N GLY B 160 7.25 8.24 -12.60
CA GLY B 160 8.26 9.26 -12.45
C GLY B 160 8.18 9.94 -11.11
N ILE B 161 6.97 10.34 -10.73
CA ILE B 161 6.75 11.01 -9.46
C ILE B 161 7.17 10.11 -8.30
N SER B 162 6.63 8.91 -8.27
CA SER B 162 6.94 7.97 -7.19
C SER B 162 8.41 7.57 -7.10
N LEU B 163 9.04 7.33 -8.23
CA LEU B 163 10.45 6.93 -8.22
C LEU B 163 11.33 8.07 -7.70
N ALA B 164 11.13 9.27 -8.21
CA ALA B 164 11.90 10.42 -7.77
C ALA B 164 11.71 10.71 -6.28
N VAL B 165 10.46 10.68 -5.81
CA VAL B 165 10.21 10.92 -4.39
C VAL B 165 10.88 9.83 -3.55
N ALA B 166 10.81 8.59 -4.01
CA ALA B 166 11.42 7.48 -3.30
C ALA B 166 12.93 7.64 -3.18
N TRP B 167 13.59 7.90 -4.31
CA TRP B 167 15.05 8.06 -4.29
C TRP B 167 15.49 9.20 -3.38
N SER B 168 14.87 10.37 -3.54
CA SER B 168 15.24 11.51 -2.72
C SER B 168 15.02 11.20 -1.25
N PHE B 169 13.95 10.47 -0.93
CA PHE B 169 13.68 10.13 0.47
C PHE B 169 14.78 9.21 1.00
N SER B 170 15.11 8.19 0.23
CA SER B 170 16.15 7.25 0.65
C SER B 170 17.48 7.93 0.90
N GLN B 171 17.87 8.84 0.01
CA GLN B 171 19.14 9.52 0.17
C GLN B 171 19.13 10.47 1.36
N MET B 172 17.95 11.00 1.68
CA MET B 172 17.82 11.93 2.80
C MET B 172 17.84 11.24 4.15
N MET B 173 17.25 10.05 4.22
CA MET B 173 17.13 9.31 5.48
C MET B 173 17.98 8.06 5.70
N VAL B 174 18.32 7.34 4.63
CA VAL B 174 19.14 6.13 4.81
C VAL B 174 20.29 6.07 3.83
N ALA B 175 20.96 7.20 3.63
CA ALA B 175 22.08 7.30 2.71
C ALA B 175 23.19 6.31 3.00
N ASP B 176 23.33 5.91 4.26
CA ASP B 176 24.37 4.98 4.67
C ASP B 176 24.20 3.61 4.02
N GLN B 177 23.08 3.39 3.34
CA GLN B 177 22.81 2.12 2.68
C GLN B 177 23.26 2.14 1.22
N PHE B 178 23.79 3.27 0.77
CA PHE B 178 24.21 3.42 -0.62
C PHE B 178 25.65 3.84 -0.91
N ASN B 179 26.19 3.29 -2.00
CA ASN B 179 27.53 3.63 -2.48
C ASN B 179 27.20 4.65 -3.59
N PRO B 180 27.98 5.73 -3.71
CA PRO B 180 27.81 6.81 -4.70
C PRO B 180 27.54 6.47 -6.17
N GLY B 181 28.17 5.42 -6.68
CA GLY B 181 27.96 5.09 -8.08
C GLY B 181 26.79 4.16 -8.37
N GLN B 182 26.10 3.71 -7.33
CA GLN B 182 24.97 2.80 -7.53
C GLN B 182 23.73 3.44 -8.15
N PHE B 183 23.06 2.65 -8.98
CA PHE B 183 21.82 3.06 -9.63
C PHE B 183 21.92 4.44 -10.30
N PRO B 184 22.87 4.60 -11.24
CA PRO B 184 23.02 5.90 -11.91
C PRO B 184 21.79 6.41 -12.67
N ALA B 185 21.05 5.52 -13.30
CA ALA B 185 19.86 5.94 -14.03
C ALA B 185 18.78 6.42 -13.07
N VAL B 186 18.61 5.72 -11.95
CA VAL B 186 17.60 6.12 -10.97
C VAL B 186 18.01 7.45 -10.34
N ARG B 187 19.26 7.55 -9.93
CA ARG B 187 19.78 8.76 -9.32
C ARG B 187 19.65 9.90 -10.33
N GLY B 188 20.03 9.63 -11.57
CA GLY B 188 19.95 10.63 -12.61
C GLY B 188 18.54 11.17 -12.82
N PHE B 189 17.55 10.29 -12.90
CA PHE B 189 16.19 10.77 -13.12
C PHE B 189 15.66 11.54 -11.93
N ALA B 190 15.92 11.04 -10.73
CA ALA B 190 15.46 11.71 -9.53
C ALA B 190 16.02 13.12 -9.44
N GLU B 191 17.32 13.25 -9.70
CA GLU B 191 17.97 14.56 -9.63
C GLU B 191 17.45 15.50 -10.72
N TYR B 192 16.99 14.93 -11.84
CA TYR B 192 16.41 15.74 -12.92
C TYR B 192 15.04 16.22 -12.43
N ALA B 193 14.24 15.28 -11.95
CA ALA B 193 12.90 15.59 -11.47
C ALA B 193 12.89 16.64 -10.35
N GLU B 194 13.86 16.56 -9.45
CA GLU B 194 13.92 17.50 -8.34
C GLU B 194 14.11 18.94 -8.80
N GLN B 195 14.54 19.14 -10.03
CA GLN B 195 14.73 20.50 -10.52
C GLN B 195 13.54 20.98 -11.34
N LEU B 196 12.50 20.15 -11.39
CA LEU B 196 11.27 20.52 -12.09
C LEU B 196 10.48 21.43 -11.14
N PRO B 197 9.74 22.41 -11.69
CA PRO B 197 8.95 23.33 -10.87
C PRO B 197 8.08 22.67 -9.80
N VAL B 198 7.34 21.64 -10.19
CA VAL B 198 6.46 20.98 -9.24
C VAL B 198 7.19 20.36 -8.06
N PHE B 199 8.41 19.87 -8.28
CA PHE B 199 9.21 19.27 -7.20
C PHE B 199 9.81 20.38 -6.34
N LEU B 200 10.27 21.45 -6.98
CA LEU B 200 10.85 22.57 -6.26
C LEU B 200 9.77 23.23 -5.40
N ALA B 201 8.54 23.25 -5.90
CA ALA B 201 7.45 23.87 -5.16
C ALA B 201 6.87 22.95 -4.09
N THR B 202 7.42 21.73 -3.99
CA THR B 202 6.94 20.77 -3.01
C THR B 202 8.15 20.13 -2.31
N PRO B 203 8.90 20.91 -1.51
CA PRO B 203 10.08 20.40 -0.80
C PRO B 203 9.80 19.32 0.25
N ALA B 204 10.74 18.38 0.37
CA ALA B 204 10.64 17.28 1.32
C ALA B 204 11.37 17.56 2.63
#